data_3D1V
#
_entry.id   3D1V
#
_cell.length_a   138.666
_cell.length_b   138.666
_cell.length_c   159.379
_cell.angle_alpha   90.00
_cell.angle_beta   90.00
_cell.angle_gamma   120.00
#
_symmetry.space_group_name_H-M   'H 3 2'
#
loop_
_entity.id
_entity.type
_entity.pdbx_description
1 polymer 'Purine nucleoside phosphorylase'
2 non-polymer 'SULFATE ION'
3 non-polymer 2-mercapto(3H)quinazolinone
4 water water
#
_entity_poly.entity_id   1
_entity_poly.type   'polypeptide(L)'
_entity_poly.pdbx_seq_one_letter_code
;MENGYTYEDYKNTAEWLLSHTKHRPQVAIICGSGLGGLTDKLTQAQIFDYSEIPNFPRSTVPGHAGRLVFGFLNGRACVM
MQGRFHMYEGYPLWKVTFPVRVFHLLGVDTLVVTNAAGGLNPKFEVGDIMLIRDHINLPGFSGQNPLRGPNDERFGDRFP
AMSDAYDRTMRQRALSTWKQMGEQRELQEGTYVMVAGPSFETVAECRVLQKLGADAVGMSTVPEVIVARHCGLRVFGFSL
ITNKVIMDYESLEKANHEEVLAAGKQAAQKLEQFVSILMASIPLPDKAS
;
_entity_poly.pdbx_strand_id   A
#
# COMPACT_ATOMS: atom_id res chain seq x y z
N GLU A 2 -3.51 -14.07 -9.68
CA GLU A 2 -3.48 -14.98 -10.98
C GLU A 2 -2.84 -14.58 -12.46
N ASN A 3 -3.71 -14.60 -13.51
CA ASN A 3 -3.43 -14.65 -15.02
C ASN A 3 -2.07 -14.28 -15.61
N GLY A 4 -1.75 -14.78 -16.80
CA GLY A 4 -0.51 -14.25 -17.33
C GLY A 4 0.65 -14.83 -16.55
N TYR A 5 0.54 -15.06 -15.22
CA TYR A 5 1.67 -15.64 -14.44
C TYR A 5 1.38 -17.01 -13.95
N THR A 6 2.34 -17.88 -13.98
CA THR A 6 2.13 -19.19 -13.39
C THR A 6 2.74 -19.14 -12.03
N TYR A 7 2.50 -20.18 -11.24
CA TYR A 7 3.17 -20.24 -10.01
C TYR A 7 4.70 -20.24 -10.17
N GLU A 8 5.27 -20.92 -11.21
CA GLU A 8 6.75 -21.03 -11.38
C GLU A 8 7.28 -19.68 -11.55
N ASP A 9 6.55 -18.81 -12.24
CA ASP A 9 7.06 -17.48 -12.52
C ASP A 9 7.36 -16.85 -11.19
N TYR A 10 6.36 -16.98 -10.32
CA TYR A 10 6.50 -16.34 -9.03
C TYR A 10 7.71 -16.96 -8.30
N LYS A 11 7.80 -18.31 -8.24
CA LYS A 11 8.97 -18.90 -7.61
C LYS A 11 10.18 -18.38 -8.30
N ASN A 12 10.23 -18.42 -9.61
CA ASN A 12 11.43 -18.03 -10.25
C ASN A 12 11.78 -16.68 -9.78
N THR A 13 10.81 -15.79 -9.68
CA THR A 13 11.12 -14.43 -9.32
C THR A 13 11.65 -14.36 -7.90
N ALA A 14 11.02 -15.12 -6.99
CA ALA A 14 11.42 -15.13 -5.54
C ALA A 14 12.79 -15.74 -5.41
N GLU A 15 12.95 -16.93 -6.00
CA GLU A 15 14.20 -17.60 -6.10
C GLU A 15 15.33 -16.70 -6.60
N TRP A 16 15.13 -16.03 -7.72
CA TRP A 16 16.18 -15.14 -8.19
C TRP A 16 16.50 -14.10 -7.17
N LEU A 17 15.55 -13.76 -6.33
CA LEU A 17 15.74 -12.56 -5.51
C LEU A 17 16.43 -13.04 -4.20
N LEU A 18 16.08 -14.26 -3.79
CA LEU A 18 16.66 -14.95 -2.69
C LEU A 18 18.11 -15.14 -3.10
N SER A 19 18.31 -15.87 -4.16
CA SER A 19 19.64 -16.12 -4.58
C SER A 19 20.31 -14.88 -5.12
N HIS A 20 19.75 -13.68 -4.98
CA HIS A 20 20.52 -12.49 -5.40
C HIS A 20 20.60 -11.46 -4.31
N THR A 21 20.18 -11.82 -3.10
CA THR A 21 20.26 -10.80 -2.06
C THR A 21 20.56 -11.51 -0.78
N LYS A 22 21.21 -10.80 0.15
CA LYS A 22 21.61 -11.34 1.46
C LYS A 22 20.36 -11.59 2.26
N HIS A 23 19.53 -10.57 2.12
CA HIS A 23 18.30 -10.33 2.83
C HIS A 23 17.25 -11.41 2.66
N ARG A 24 16.55 -11.72 3.76
CA ARG A 24 15.26 -12.40 3.75
C ARG A 24 14.36 -11.36 4.40
N PRO A 25 13.41 -10.76 3.65
CA PRO A 25 12.64 -9.72 4.27
C PRO A 25 11.46 -10.39 4.96
N GLN A 26 11.05 -9.78 6.07
CA GLN A 26 9.92 -10.27 6.84
C GLN A 26 8.72 -9.40 6.52
N VAL A 27 9.00 -8.14 6.28
CA VAL A 27 7.98 -7.18 6.02
C VAL A 27 8.07 -6.55 4.59
N ALA A 28 6.96 -6.55 3.83
CA ALA A 28 7.04 -5.72 2.62
C ALA A 28 6.32 -4.46 2.86
N ILE A 29 6.90 -3.39 2.33
CA ILE A 29 6.22 -2.08 2.37
C ILE A 29 6.05 -1.57 0.89
N ILE A 30 4.92 -0.98 0.57
CA ILE A 30 4.77 -0.54 -0.76
C ILE A 30 4.38 0.88 -0.51
N CYS A 31 5.14 1.85 -1.06
CA CYS A 31 4.98 3.26 -0.82
C CYS A 31 4.12 3.99 -1.81
N GLY A 32 3.50 5.05 -1.45
CA GLY A 32 2.55 5.67 -2.32
C GLY A 32 3.30 6.89 -2.82
N SER A 33 2.63 7.82 -3.51
CA SER A 33 3.44 8.83 -4.13
C SER A 33 3.89 9.67 -3.04
N GLY A 34 5.10 10.20 -3.18
CA GLY A 34 5.73 11.01 -2.17
C GLY A 34 6.07 10.29 -0.88
N LEU A 35 6.05 8.96 -0.86
CA LEU A 35 6.46 8.28 0.34
C LEU A 35 7.54 7.34 0.02
N GLY A 36 8.20 7.60 -1.07
CA GLY A 36 9.23 6.62 -1.45
C GLY A 36 10.44 6.87 -0.63
N GLY A 37 10.42 8.09 -0.03
CA GLY A 37 11.55 8.70 0.62
C GLY A 37 11.92 7.75 1.75
N LEU A 38 10.91 7.05 2.21
CA LEU A 38 11.08 6.13 3.26
C LEU A 38 12.14 5.13 2.95
N THR A 39 12.45 4.87 1.70
CA THR A 39 13.53 3.91 1.38
C THR A 39 14.90 4.41 1.86
N ASP A 40 14.98 5.71 2.12
CA ASP A 40 16.17 6.17 2.84
C ASP A 40 16.38 5.55 4.23
N LYS A 41 15.33 5.49 5.07
CA LYS A 41 15.41 4.88 6.37
C LYS A 41 15.98 3.49 6.30
N LEU A 42 16.14 2.96 5.10
CA LEU A 42 16.63 1.59 5.02
C LEU A 42 18.10 1.49 5.36
N THR A 43 18.57 0.37 5.85
CA THR A 43 20.01 0.35 6.02
C THR A 43 20.49 -0.95 5.49
N GLN A 44 21.62 -0.87 4.83
CA GLN A 44 22.10 -2.04 4.09
C GLN A 44 21.13 -2.32 2.98
N ALA A 45 20.64 -1.22 2.41
CA ALA A 45 19.82 -1.23 1.25
C ALA A 45 20.55 -2.02 0.13
N GLN A 46 19.90 -3.03 -0.43
CA GLN A 46 20.27 -3.54 -1.76
C GLN A 46 19.08 -3.12 -2.74
N ILE A 47 19.39 -2.27 -3.72
CA ILE A 47 18.34 -1.80 -4.66
C ILE A 47 18.15 -2.72 -5.89
N PHE A 48 16.94 -2.92 -6.36
CA PHE A 48 16.77 -3.57 -7.64
C PHE A 48 15.96 -2.77 -8.47
N ASP A 49 16.35 -2.68 -9.71
CA ASP A 49 15.46 -2.09 -10.67
C ASP A 49 14.43 -3.14 -11.05
N TYR A 50 13.18 -2.77 -11.24
CA TYR A 50 12.21 -3.84 -11.41
C TYR A 50 12.58 -4.69 -12.64
N SER A 51 12.73 -3.99 -13.76
CA SER A 51 13.75 -4.29 -14.68
C SER A 51 14.57 -5.60 -14.62
N GLU A 52 15.50 -5.61 -13.70
CA GLU A 52 16.34 -6.75 -13.56
C GLU A 52 15.64 -7.94 -13.04
N ILE A 53 14.44 -7.80 -12.50
CA ILE A 53 13.89 -8.91 -11.84
C ILE A 53 13.06 -9.71 -12.77
N PRO A 54 13.43 -10.96 -12.97
CA PRO A 54 12.65 -11.83 -13.72
C PRO A 54 11.14 -11.54 -13.86
N ASN A 55 10.28 -11.46 -12.91
CA ASN A 55 9.04 -11.24 -13.91
C ASN A 55 8.36 -9.97 -13.72
N PHE A 56 9.02 -9.07 -13.00
CA PHE A 56 8.31 -8.09 -12.32
C PHE A 56 7.74 -7.09 -13.33
N PRO A 57 6.47 -6.65 -13.19
CA PRO A 57 6.12 -5.63 -14.17
C PRO A 57 7.18 -4.54 -14.19
N ARG A 58 7.65 -4.06 -15.33
CA ARG A 58 8.57 -2.91 -15.31
C ARG A 58 7.70 -1.71 -15.20
N SER A 59 8.18 -0.56 -14.79
CA SER A 59 7.12 0.53 -14.63
C SER A 59 6.77 1.14 -15.93
N THR A 60 5.96 2.17 -15.94
CA THR A 60 5.73 2.84 -17.22
C THR A 60 6.48 4.16 -17.62
N VAL A 61 7.40 4.81 -16.81
CA VAL A 61 8.73 5.46 -17.39
C VAL A 61 9.89 6.35 -16.66
N PRO A 62 9.59 7.26 -15.66
CA PRO A 62 10.51 7.20 -14.49
C PRO A 62 9.57 6.76 -13.33
N GLY A 63 9.64 5.51 -12.86
CA GLY A 63 10.41 4.42 -13.48
C GLY A 63 11.47 4.24 -12.48
N HIS A 64 12.14 5.39 -12.31
CA HIS A 64 13.26 5.76 -11.36
C HIS A 64 12.74 6.42 -9.99
N ALA A 65 11.42 6.73 -10.02
CA ALA A 65 10.59 6.43 -8.84
C ALA A 65 10.15 4.85 -8.79
N GLY A 66 10.70 3.95 -9.74
CA GLY A 66 10.41 2.44 -9.89
C GLY A 66 11.38 1.32 -9.41
N ARG A 67 11.57 1.11 -8.12
CA ARG A 67 12.58 0.13 -7.53
C ARG A 67 12.13 -0.71 -6.34
N LEU A 68 12.79 -1.83 -6.17
CA LEU A 68 12.61 -2.66 -5.08
C LEU A 68 13.89 -2.57 -4.25
N VAL A 69 13.82 -1.93 -3.08
CA VAL A 69 14.97 -1.85 -2.15
C VAL A 69 14.81 -2.72 -0.92
N PHE A 70 15.68 -3.72 -0.76
CA PHE A 70 15.64 -4.56 0.40
C PHE A 70 16.49 -3.95 1.58
N GLY A 71 15.95 -3.96 2.79
CA GLY A 71 16.41 -3.04 3.81
C GLY A 71 16.31 -3.62 5.18
N PHE A 72 16.78 -2.83 6.16
CA PHE A 72 16.43 -3.01 7.53
C PHE A 72 15.84 -1.75 7.91
N LEU A 73 14.61 -1.87 8.34
CA LEU A 73 13.94 -0.72 8.88
C LEU A 73 13.72 -1.24 10.30
N ASN A 74 14.56 -0.68 11.20
CA ASN A 74 14.21 -0.37 12.58
C ASN A 74 13.77 -1.59 13.25
N GLY A 75 14.53 -2.64 13.06
CA GLY A 75 14.17 -3.90 13.62
C GLY A 75 14.31 -4.66 12.37
N ARG A 76 13.14 -4.79 11.76
CA ARG A 76 12.78 -5.70 10.70
C ARG A 76 13.52 -5.58 9.40
N ALA A 77 13.84 -6.77 8.89
CA ALA A 77 14.13 -7.09 7.51
C ALA A 77 12.95 -6.74 6.54
N CYS A 78 12.97 -5.54 5.98
CA CYS A 78 11.97 -5.09 5.00
C CYS A 78 12.35 -5.37 3.56
N VAL A 79 11.37 -5.63 2.71
CA VAL A 79 11.53 -5.28 1.30
C VAL A 79 10.55 -4.23 0.89
N MET A 80 11.04 -3.13 0.37
CA MET A 80 10.17 -2.04 -0.02
C MET A 80 9.99 -1.74 -1.53
N MET A 81 8.84 -1.21 -1.88
CA MET A 81 8.56 -1.06 -3.23
C MET A 81 8.47 0.37 -3.41
N GLN A 82 9.35 0.96 -4.20
CA GLN A 82 9.24 2.36 -4.51
C GLN A 82 8.70 2.47 -5.98
N GLY A 83 7.41 2.80 -6.09
CA GLY A 83 6.76 3.06 -7.34
C GLY A 83 5.87 1.88 -7.43
N ARG A 84 4.69 1.91 -6.79
CA ARG A 84 3.71 0.84 -6.94
C ARG A 84 3.08 1.03 -8.36
N PHE A 85 2.53 -0.06 -8.93
CA PHE A 85 1.71 -0.15 -10.07
C PHE A 85 0.27 0.20 -9.70
N HIS A 86 -0.42 0.88 -10.64
CA HIS A 86 -1.76 1.24 -10.51
C HIS A 86 -2.49 0.64 -11.72
N MET A 87 -3.73 0.24 -11.56
CA MET A 87 -4.36 -0.16 -12.75
C MET A 87 -4.55 1.08 -13.63
N TYR A 88 -4.43 2.28 -13.16
CA TYR A 88 -4.88 3.40 -14.14
C TYR A 88 -3.68 3.34 -15.21
N GLU A 89 -2.54 2.72 -14.90
CA GLU A 89 -1.37 2.93 -15.75
C GLU A 89 -1.61 1.82 -16.86
N GLY A 90 -2.60 0.95 -16.68
CA GLY A 90 -2.52 -0.12 -17.61
C GLY A 90 -2.20 -1.54 -17.15
N TYR A 91 -1.44 -1.83 -16.02
CA TYR A 91 -1.34 -3.37 -15.93
C TYR A 91 -2.74 -4.15 -15.62
N PRO A 92 -2.95 -5.33 -15.93
CA PRO A 92 -3.82 -5.65 -14.93
C PRO A 92 -3.64 -6.02 -13.55
N LEU A 93 -4.63 -6.18 -12.64
CA LEU A 93 -4.37 -6.38 -11.15
C LEU A 93 -3.37 -7.34 -11.17
N TRP A 94 -3.11 -8.12 -12.25
CA TRP A 94 -2.34 -9.39 -11.49
C TRP A 94 -0.97 -9.11 -11.90
N LYS A 95 -0.79 -7.85 -12.30
CA LYS A 95 0.48 -7.23 -12.23
C LYS A 95 0.58 -6.25 -11.18
N VAL A 96 -0.41 -5.33 -10.89
CA VAL A 96 -0.27 -4.72 -9.53
C VAL A 96 0.07 -5.79 -8.46
N THR A 97 -0.64 -6.92 -8.28
CA THR A 97 -0.79 -7.50 -7.00
C THR A 97 0.43 -8.30 -7.14
N PHE A 98 1.53 -7.97 -8.25
CA PHE A 98 2.20 -9.10 -8.53
C PHE A 98 3.28 -8.96 -7.39
N PRO A 99 3.94 -7.83 -7.02
CA PRO A 99 5.07 -8.00 -6.22
C PRO A 99 4.49 -8.82 -5.07
N VAL A 100 3.21 -8.65 -4.80
CA VAL A 100 2.85 -9.05 -3.44
C VAL A 100 3.02 -10.52 -3.31
N ARG A 101 2.79 -11.16 -4.43
CA ARG A 101 2.80 -12.59 -4.34
C ARG A 101 4.28 -13.01 -4.29
N VAL A 102 5.17 -12.17 -4.80
CA VAL A 102 6.58 -12.62 -4.65
C VAL A 102 6.97 -12.43 -3.24
N PHE A 103 6.73 -11.25 -2.73
CA PHE A 103 7.00 -10.98 -1.28
C PHE A 103 6.68 -12.18 -0.36
N HIS A 104 5.50 -12.73 -0.45
CA HIS A 104 5.15 -13.90 0.28
C HIS A 104 6.29 -14.82 0.00
N LEU A 105 6.31 -15.53 -1.13
CA LEU A 105 7.34 -16.48 -1.58
C LEU A 105 8.79 -16.17 -1.11
N LEU A 106 9.04 -14.90 -0.89
CA LEU A 106 10.24 -14.40 -0.29
C LEU A 106 10.23 -14.72 1.25
N GLY A 107 9.18 -15.39 1.73
CA GLY A 107 8.87 -15.49 3.13
C GLY A 107 8.38 -14.22 3.82
N VAL A 108 8.01 -13.17 3.09
CA VAL A 108 7.49 -11.98 3.81
C VAL A 108 6.20 -12.41 4.43
N ASP A 109 5.85 -11.93 5.61
CA ASP A 109 4.55 -12.27 6.14
C ASP A 109 3.74 -11.04 6.56
N THR A 110 4.25 -9.85 6.41
CA THR A 110 3.39 -8.74 6.71
C THR A 110 3.54 -7.77 5.53
N LEU A 111 2.48 -7.11 5.12
CA LEU A 111 2.67 -6.14 4.10
C LEU A 111 2.23 -4.84 4.59
N VAL A 112 2.99 -3.77 4.53
CA VAL A 112 2.36 -2.48 4.78
C VAL A 112 2.21 -1.66 3.53
N VAL A 113 1.07 -1.05 3.34
CA VAL A 113 0.83 -0.34 2.15
C VAL A 113 0.67 1.09 2.49
N THR A 114 1.23 2.04 1.78
CA THR A 114 0.83 3.38 2.04
C THR A 114 0.32 3.92 0.76
N ASN A 115 -0.36 5.06 0.75
CA ASN A 115 -0.80 5.73 -0.45
C ASN A 115 -1.21 7.14 -0.13
N ALA A 116 -1.52 7.91 -1.17
CA ALA A 116 -2.01 9.27 -1.00
C ALA A 116 -3.40 9.18 -1.37
N ALA A 117 -4.32 9.76 -0.60
CA ALA A 117 -5.71 9.76 -0.97
C ALA A 117 -6.27 11.13 -0.69
N GLY A 118 -7.47 11.30 -1.16
CA GLY A 118 -8.11 12.58 -1.30
C GLY A 118 -8.99 12.23 -0.15
N GLY A 119 -9.17 13.18 0.79
CA GLY A 119 -10.00 12.96 1.94
C GLY A 119 -11.39 13.36 1.57
N LEU A 120 -12.32 12.57 2.06
CA LEU A 120 -13.70 12.67 1.66
C LEU A 120 -14.41 13.00 2.92
N ASN A 121 -13.96 12.32 3.97
CA ASN A 121 -14.36 12.67 5.30
C ASN A 121 -13.97 14.15 5.57
N PRO A 122 -14.97 14.98 5.92
CA PRO A 122 -14.74 16.43 6.15
C PRO A 122 -13.86 16.69 7.36
N LYS A 123 -13.92 15.80 8.35
CA LYS A 123 -13.08 15.95 9.53
C LYS A 123 -11.64 15.69 9.20
N PHE A 124 -11.14 16.11 8.04
CA PHE A 124 -9.87 15.48 7.59
C PHE A 124 -9.11 16.61 6.96
N GLU A 125 -7.77 16.57 7.02
CA GLU A 125 -7.01 17.74 6.64
C GLU A 125 -5.78 17.32 5.92
N VAL A 126 -5.45 18.07 4.89
CA VAL A 126 -4.27 17.68 4.18
C VAL A 126 -3.17 17.59 5.16
N GLY A 127 -2.37 16.54 5.06
CA GLY A 127 -1.26 16.27 5.98
C GLY A 127 -1.67 15.09 6.79
N ASP A 128 -2.97 14.91 6.95
CA ASP A 128 -3.42 13.81 7.81
C ASP A 128 -2.97 12.46 7.43
N ILE A 129 -2.45 11.67 8.32
CA ILE A 129 -2.38 10.29 7.98
C ILE A 129 -3.68 9.65 8.33
N MET A 130 -4.05 8.52 7.69
CA MET A 130 -5.34 7.82 7.90
C MET A 130 -5.15 6.35 7.95
N LEU A 131 -5.60 5.68 8.95
CA LEU A 131 -5.05 4.36 9.10
C LEU A 131 -6.12 3.49 8.47
N ILE A 132 -5.72 2.57 7.63
CA ILE A 132 -6.81 2.01 6.86
C ILE A 132 -7.52 0.98 7.73
N ARG A 133 -8.80 1.23 7.99
CA ARG A 133 -9.57 0.19 8.75
C ARG A 133 -10.28 -0.85 7.89
N ASP A 134 -10.73 -0.38 6.71
CA ASP A 134 -11.47 -1.17 5.77
C ASP A 134 -11.32 -0.48 4.44
N HIS A 135 -11.83 -1.16 3.42
CA HIS A 135 -11.75 -0.55 2.14
C HIS A 135 -13.01 -0.76 1.37
N ILE A 136 -13.20 0.04 0.36
CA ILE A 136 -14.27 -0.34 -0.58
C ILE A 136 -13.72 -0.53 -1.94
N ASN A 137 -14.04 -1.67 -2.49
CA ASN A 137 -13.29 -2.06 -3.63
C ASN A 137 -14.08 -1.81 -4.86
N LEU A 138 -14.12 -0.58 -5.26
CA LEU A 138 -15.08 -0.22 -6.22
C LEU A 138 -14.78 -1.00 -7.49
N PRO A 139 -13.48 -1.17 -7.94
CA PRO A 139 -13.26 -2.07 -9.10
C PRO A 139 -13.50 -3.53 -8.73
N GLY A 140 -13.13 -3.94 -7.52
CA GLY A 140 -13.52 -5.35 -7.20
C GLY A 140 -14.98 -5.70 -7.52
N PHE A 141 -15.91 -4.80 -7.22
CA PHE A 141 -17.36 -5.17 -7.32
C PHE A 141 -17.67 -5.54 -8.79
N SER A 142 -16.86 -4.87 -9.60
CA SER A 142 -16.97 -5.06 -11.00
C SER A 142 -16.27 -6.14 -11.78
N GLY A 143 -15.39 -7.02 -11.21
CA GLY A 143 -14.65 -7.88 -12.11
C GLY A 143 -13.21 -7.79 -11.84
N GLN A 144 -12.87 -6.57 -11.63
CA GLN A 144 -11.55 -6.10 -11.48
C GLN A 144 -11.11 -6.45 -10.08
N ASN A 145 -10.87 -7.72 -9.68
CA ASN A 145 -10.37 -8.15 -8.30
C ASN A 145 -9.13 -9.02 -8.66
N PRO A 146 -8.00 -8.75 -7.96
CA PRO A 146 -6.49 -9.03 -8.39
C PRO A 146 -6.27 -10.64 -8.44
N LEU A 147 -7.93 -11.50 -8.07
CA LEU A 147 -7.85 -12.77 -7.92
C LEU A 147 -8.73 -13.22 -9.05
N ARG A 148 -9.11 -12.30 -9.90
CA ARG A 148 -10.09 -12.93 -10.81
C ARG A 148 -9.48 -14.08 -11.51
N GLY A 149 -10.03 -15.10 -12.24
CA GLY A 149 -9.44 -16.45 -12.93
C GLY A 149 -9.31 -17.40 -11.86
N PRO A 150 -8.74 -18.55 -12.12
CA PRO A 150 -8.59 -19.67 -11.27
C PRO A 150 -7.66 -19.40 -10.12
N ASN A 151 -7.84 -20.18 -9.05
CA ASN A 151 -7.25 -19.88 -7.77
C ASN A 151 -6.16 -20.85 -7.52
N ASP A 152 -5.04 -20.43 -6.91
CA ASP A 152 -4.00 -21.41 -6.73
C ASP A 152 -4.00 -21.67 -5.32
N GLU A 153 -4.48 -22.87 -4.99
CA GLU A 153 -4.61 -23.22 -3.57
C GLU A 153 -3.24 -23.10 -2.92
N ARG A 154 -2.15 -23.09 -3.70
CA ARG A 154 -0.83 -22.83 -3.15
C ARG A 154 -0.68 -21.51 -2.49
N PHE A 155 -1.38 -20.48 -2.97
CA PHE A 155 -1.37 -19.21 -2.30
C PHE A 155 -2.53 -19.01 -1.33
N GLY A 156 -3.72 -19.47 -1.67
CA GLY A 156 -4.87 -19.12 -0.82
C GLY A 156 -6.13 -19.82 -1.20
N ASP A 157 -7.20 -19.35 -0.61
CA ASP A 157 -8.50 -19.98 -0.82
C ASP A 157 -9.19 -19.31 -1.99
N ARG A 158 -10.05 -20.05 -2.68
CA ARG A 158 -10.90 -19.48 -3.67
C ARG A 158 -11.60 -18.23 -3.16
N PHE A 159 -12.02 -18.22 -1.90
CA PHE A 159 -12.91 -17.08 -1.57
C PHE A 159 -12.42 -16.50 -0.27
N PRO A 160 -11.23 -15.93 -0.30
CA PRO A 160 -10.66 -15.35 0.88
C PRO A 160 -11.59 -14.40 1.55
N ALA A 161 -11.64 -14.32 2.88
CA ALA A 161 -12.39 -13.17 3.43
C ALA A 161 -11.62 -11.89 3.40
N MET A 162 -12.36 -10.78 3.33
CA MET A 162 -11.72 -9.45 3.45
C MET A 162 -12.26 -8.59 4.56
N SER A 163 -13.34 -9.06 5.19
CA SER A 163 -13.85 -8.36 6.39
C SER A 163 -12.67 -8.09 7.31
N ASP A 164 -11.70 -8.98 7.41
CA ASP A 164 -10.56 -8.64 8.24
C ASP A 164 -9.29 -8.31 7.47
N ALA A 165 -9.38 -7.72 6.28
CA ALA A 165 -8.11 -7.36 5.63
C ALA A 165 -7.09 -6.66 6.60
N TYR A 166 -7.52 -5.64 7.28
CA TYR A 166 -6.61 -4.74 8.01
C TYR A 166 -6.48 -5.14 9.53
N ASP A 167 -5.39 -5.81 9.95
CA ASP A 167 -5.20 -6.30 11.36
C ASP A 167 -5.84 -5.48 12.49
N ARG A 168 -6.67 -6.12 13.37
CA ARG A 168 -7.07 -5.40 14.57
C ARG A 168 -5.75 -5.16 15.26
N THR A 169 -4.95 -6.21 15.43
CA THR A 169 -3.79 -6.01 16.28
C THR A 169 -2.99 -4.81 15.90
N MET A 170 -2.73 -4.68 14.62
CA MET A 170 -1.80 -3.61 14.25
C MET A 170 -2.50 -2.31 14.20
N ARG A 171 -3.78 -2.31 13.95
CA ARG A 171 -4.42 -1.03 13.97
C ARG A 171 -4.37 -0.58 15.40
N GLN A 172 -4.58 -1.55 16.33
CA GLN A 172 -4.38 -1.37 17.78
C GLN A 172 -2.99 -0.82 17.95
N ARG A 173 -2.00 -1.67 17.77
CA ARG A 173 -0.63 -1.15 17.94
C ARG A 173 -0.39 0.17 17.32
N ALA A 174 -0.92 0.41 16.12
CA ALA A 174 -0.60 1.64 15.41
C ALA A 174 -1.11 2.76 16.21
N LEU A 175 -2.37 2.67 16.54
CA LEU A 175 -3.13 3.75 17.20
C LEU A 175 -2.51 4.12 18.59
N SER A 176 -2.09 3.05 19.32
CA SER A 176 -1.24 3.13 20.54
C SER A 176 -0.13 4.06 20.16
N THR A 177 0.84 3.46 19.44
CA THR A 177 2.04 4.17 18.96
C THR A 177 1.74 5.58 18.52
N TRP A 178 0.72 5.84 17.72
CA TRP A 178 0.60 7.22 17.32
C TRP A 178 0.49 8.16 18.54
N LYS A 179 -0.03 7.62 19.66
CA LYS A 179 -0.14 8.40 20.88
C LYS A 179 1.17 8.34 21.64
N GLN A 180 1.63 7.13 21.91
CA GLN A 180 2.99 6.90 22.50
C GLN A 180 4.05 7.90 22.11
N MET A 181 3.94 8.52 20.95
CA MET A 181 4.93 9.53 20.59
C MET A 181 4.27 10.86 20.63
N GLY A 182 3.03 10.89 21.14
CA GLY A 182 2.22 12.10 21.33
C GLY A 182 2.32 13.14 20.22
N GLU A 183 1.20 13.43 19.51
CA GLU A 183 1.32 14.08 18.19
C GLU A 183 0.46 15.29 17.78
N GLN A 184 1.14 16.13 16.98
CA GLN A 184 0.57 16.99 15.88
C GLN A 184 -0.98 17.04 15.84
N ARG A 185 -1.57 16.18 14.97
CA ARG A 185 -3.01 15.97 14.96
C ARG A 185 -3.31 14.53 15.39
N GLU A 186 -4.54 14.13 15.13
CA GLU A 186 -4.94 12.75 15.39
C GLU A 186 -4.51 11.81 14.27
N LEU A 187 -4.17 10.59 14.67
CA LEU A 187 -4.17 9.51 13.72
C LEU A 187 -5.60 9.06 13.43
N GLN A 188 -6.10 9.57 12.28
CA GLN A 188 -7.34 9.17 11.65
C GLN A 188 -7.50 7.68 11.32
N GLU A 189 -8.71 7.30 10.96
CA GLU A 189 -8.99 5.91 10.69
C GLU A 189 -10.28 5.94 9.92
N GLY A 190 -10.48 4.95 9.07
CA GLY A 190 -11.16 5.26 7.82
C GLY A 190 -11.19 4.13 6.79
N THR A 191 -12.30 4.14 6.07
CA THR A 191 -12.45 3.35 4.90
C THR A 191 -11.86 4.09 3.72
N TYR A 192 -11.06 3.31 3.07
CA TYR A 192 -10.49 3.83 1.84
C TYR A 192 -11.22 3.29 0.67
N VAL A 193 -11.73 4.19 -0.13
CA VAL A 193 -12.34 3.67 -1.37
C VAL A 193 -11.31 3.63 -2.51
N MET A 194 -11.07 2.46 -3.06
CA MET A 194 -10.35 2.41 -4.35
C MET A 194 -11.27 2.64 -5.51
N VAL A 195 -11.00 3.72 -6.08
CA VAL A 195 -11.63 4.10 -7.23
C VAL A 195 -10.47 3.93 -8.26
N ALA A 196 -11.11 3.45 -9.58
CA ALA A 196 -9.71 2.93 -10.61
C ALA A 196 -9.27 4.25 -11.07
N GLY A 197 -7.81 4.20 -11.79
CA GLY A 197 -8.74 4.86 -13.36
C GLY A 197 -8.58 6.24 -13.21
N PRO A 198 -7.87 6.87 -14.14
CA PRO A 198 -7.03 7.75 -13.49
C PRO A 198 -7.62 9.39 -13.39
N SER A 199 -8.85 10.24 -14.14
CA SER A 199 -9.25 11.65 -14.03
C SER A 199 -9.41 11.65 -12.49
N PHE A 200 -9.60 12.74 -11.67
CA PHE A 200 -10.02 12.79 -10.34
C PHE A 200 -11.52 12.91 -10.49
N GLU A 201 -12.23 12.76 -9.38
CA GLU A 201 -13.63 12.68 -9.43
C GLU A 201 -14.17 14.01 -9.64
N THR A 202 -15.44 13.97 -10.03
CA THR A 202 -16.24 15.10 -10.11
C THR A 202 -16.87 15.20 -8.73
N VAL A 203 -17.63 16.28 -8.58
CA VAL A 203 -18.23 16.51 -7.29
C VAL A 203 -19.23 15.39 -7.12
N ALA A 204 -19.95 15.05 -8.18
CA ALA A 204 -21.04 14.19 -7.94
C ALA A 204 -20.42 12.90 -7.51
N GLU A 205 -19.21 12.68 -8.01
CA GLU A 205 -18.58 11.43 -7.76
C GLU A 205 -18.14 11.33 -6.33
N CYS A 206 -17.45 12.36 -5.88
CA CYS A 206 -17.12 12.53 -4.47
C CYS A 206 -18.31 12.34 -3.54
N ARG A 207 -19.39 13.03 -3.88
CA ARG A 207 -20.57 12.83 -3.14
C ARG A 207 -20.90 11.37 -3.05
N VAL A 208 -20.95 10.67 -4.20
CA VAL A 208 -21.15 9.22 -4.07
C VAL A 208 -20.21 8.44 -3.16
N LEU A 209 -18.95 8.81 -3.12
CA LEU A 209 -18.04 7.93 -2.41
C LEU A 209 -18.28 8.17 -0.94
N GLN A 210 -18.75 9.39 -0.64
CA GLN A 210 -19.09 9.71 0.75
C GLN A 210 -20.29 8.93 1.15
N LYS A 211 -21.42 9.14 0.49
CA LYS A 211 -22.59 8.37 0.91
C LYS A 211 -22.32 6.89 0.86
N LEU A 212 -21.39 6.51 0.04
CA LEU A 212 -21.05 5.09 -0.03
C LEU A 212 -20.35 4.79 1.25
N GLY A 213 -19.91 5.81 1.98
CA GLY A 213 -19.19 5.59 3.23
C GLY A 213 -17.69 5.71 3.29
N ALA A 214 -17.05 6.38 2.35
CA ALA A 214 -15.61 6.18 2.30
C ALA A 214 -14.99 7.43 2.81
N ASP A 215 -13.77 7.34 3.34
CA ASP A 215 -13.18 8.49 3.94
C ASP A 215 -12.07 9.07 3.15
N ALA A 216 -11.33 8.13 2.56
CA ALA A 216 -10.17 8.52 1.75
C ALA A 216 -10.50 7.83 0.47
N VAL A 217 -10.30 8.58 -0.62
CA VAL A 217 -10.42 7.93 -1.90
C VAL A 217 -9.07 7.94 -2.54
N GLY A 218 -8.81 6.79 -3.05
CA GLY A 218 -7.51 6.75 -3.67
C GLY A 218 -7.59 5.78 -4.78
N MET A 219 -6.30 5.04 -4.96
CA MET A 219 -6.37 4.33 -6.36
C MET A 219 -5.30 3.09 -6.33
N SER A 220 -4.76 2.46 -5.46
CA SER A 220 -3.93 1.38 -5.17
C SER A 220 -4.48 0.66 -3.63
N THR A 221 -3.57 0.18 -3.00
CA THR A 221 -4.18 -0.78 -2.13
C THR A 221 -5.15 -2.03 -1.88
N VAL A 222 -6.28 -1.70 -2.34
CA VAL A 222 -7.42 -2.66 -1.99
C VAL A 222 -6.96 -3.88 -2.92
N PRO A 223 -6.40 -3.79 -4.04
CA PRO A 223 -5.41 -5.42 -5.09
C PRO A 223 -4.09 -6.11 -4.16
N GLU A 224 -3.16 -5.48 -3.76
CA GLU A 224 -1.99 -5.89 -2.68
C GLU A 224 -2.64 -6.47 -1.58
N VAL A 225 -3.69 -5.78 -1.17
CA VAL A 225 -4.52 -6.26 0.19
C VAL A 225 -5.22 -7.59 -0.11
N ILE A 226 -6.14 -7.65 -1.21
CA ILE A 226 -6.70 -9.05 -1.65
C ILE A 226 -5.57 -9.97 -1.72
N VAL A 227 -4.41 -9.62 -2.25
CA VAL A 227 -3.54 -10.79 -2.70
C VAL A 227 -2.76 -11.15 -1.57
N ALA A 228 -2.56 -10.14 -0.79
CA ALA A 228 -1.97 -10.28 0.57
C ALA A 228 -2.83 -11.10 1.56
N ARG A 229 -4.08 -10.68 1.78
CA ARG A 229 -4.83 -11.43 2.76
C ARG A 229 -4.95 -12.81 2.09
N HIS A 230 -4.99 -12.87 0.77
CA HIS A 230 -5.31 -14.15 0.12
C HIS A 230 -4.20 -15.14 0.39
N CYS A 231 -3.05 -14.57 0.67
CA CYS A 231 -1.82 -15.25 0.83
C CYS A 231 -1.57 -15.55 2.29
N GLY A 232 -2.30 -14.82 3.13
CA GLY A 232 -2.06 -14.86 4.52
C GLY A 232 -1.19 -13.74 5.08
N LEU A 233 -0.73 -12.78 4.32
CA LEU A 233 0.10 -11.80 4.92
C LEU A 233 -0.74 -11.04 5.90
N ARG A 234 -0.17 -10.49 6.93
CA ARG A 234 -0.81 -9.52 7.80
C ARG A 234 -0.76 -8.16 7.13
N VAL A 235 -1.86 -7.48 7.03
CA VAL A 235 -1.77 -6.28 6.27
C VAL A 235 -2.18 -5.18 7.15
N PHE A 236 -1.47 -4.07 7.09
CA PHE A 236 -2.04 -2.79 7.48
C PHE A 236 -1.49 -1.61 6.70
N GLY A 237 -2.05 -0.41 6.83
CA GLY A 237 -1.54 0.74 6.13
C GLY A 237 -2.21 2.08 6.34
N PHE A 238 -1.81 3.08 5.57
CA PHE A 238 -2.20 4.40 5.90
C PHE A 238 -2.32 5.03 4.61
N SER A 239 -3.08 6.09 4.58
CA SER A 239 -3.16 6.94 3.49
C SER A 239 -2.69 8.28 4.02
N LEU A 240 -1.88 8.95 3.24
CA LEU A 240 -1.56 10.27 3.51
C LEU A 240 -2.68 11.05 2.87
N ILE A 241 -3.45 11.85 3.60
CA ILE A 241 -4.43 12.66 2.88
C ILE A 241 -3.71 13.79 2.18
N THR A 242 -3.60 13.70 0.87
CA THR A 242 -2.90 14.77 0.26
C THR A 242 -3.87 15.78 -0.20
N ASN A 243 -5.17 15.61 0.05
CA ASN A 243 -6.23 16.50 -0.50
C ASN A 243 -7.56 16.41 0.17
N LYS A 244 -8.20 17.56 0.30
CA LYS A 244 -9.54 17.63 0.85
C LYS A 244 -10.34 17.70 -0.42
N VAL A 245 -11.22 16.73 -0.56
CA VAL A 245 -11.79 16.45 -1.85
C VAL A 245 -12.92 17.38 -1.83
N ILE A 246 -13.11 18.07 -2.92
CA ILE A 246 -14.13 19.08 -2.98
C ILE A 246 -15.49 18.41 -3.00
N MET A 247 -16.32 18.68 -2.00
CA MET A 247 -17.57 17.93 -1.77
C MET A 247 -18.82 18.60 -2.36
N ASP A 248 -18.58 19.65 -3.13
CA ASP A 248 -19.35 20.86 -3.03
C ASP A 248 -19.15 21.74 -4.23
N TYR A 249 -20.22 22.33 -4.75
CA TYR A 249 -20.05 23.25 -5.87
C TYR A 249 -19.48 24.65 -5.53
N GLU A 250 -18.40 24.96 -6.25
CA GLU A 250 -17.70 26.29 -6.26
C GLU A 250 -16.35 26.35 -7.08
N SER A 251 -16.31 27.30 -8.04
CA SER A 251 -15.09 27.87 -8.68
C SER A 251 -13.69 27.13 -8.61
N LEU A 252 -12.62 27.86 -9.02
CA LEU A 252 -11.21 27.41 -9.01
C LEU A 252 -10.75 27.25 -7.55
N GLU A 253 -10.51 26.01 -7.11
CA GLU A 253 -10.56 25.71 -5.66
C GLU A 253 -9.36 24.98 -4.96
N LYS A 254 -9.49 23.66 -4.63
CA LYS A 254 -8.53 22.89 -3.68
C LYS A 254 -8.13 21.38 -3.94
N ALA A 255 -6.99 21.19 -4.65
CA ALA A 255 -6.34 19.90 -5.08
C ALA A 255 -5.02 20.17 -5.93
N ASN A 256 -3.90 19.44 -5.75
CA ASN A 256 -3.73 18.13 -5.06
C ASN A 256 -2.32 17.84 -4.45
N HIS A 257 -1.89 16.56 -4.46
CA HIS A 257 -0.78 15.95 -3.63
C HIS A 257 0.66 16.42 -3.83
N GLU A 258 1.03 16.42 -5.12
CA GLU A 258 2.26 16.99 -5.69
C GLU A 258 2.06 18.50 -6.02
N GLU A 259 2.04 19.31 -4.93
CA GLU A 259 1.92 20.81 -4.92
C GLU A 259 1.67 21.45 -3.49
N VAL A 260 1.81 20.66 -2.39
CA VAL A 260 1.84 21.27 -1.01
C VAL A 260 3.31 21.31 -0.47
N LEU A 261 3.59 22.28 0.42
CA LEU A 261 4.97 22.66 0.83
C LEU A 261 5.64 21.60 1.79
N ALA A 262 5.27 21.67 3.08
CA ALA A 262 5.65 20.72 4.10
C ALA A 262 4.42 19.86 4.37
N ALA A 263 3.26 20.27 3.83
CA ALA A 263 2.02 19.41 3.70
C ALA A 263 1.99 18.42 2.43
N GLY A 264 3.16 18.32 1.80
CA GLY A 264 3.59 17.15 1.07
C GLY A 264 4.73 16.55 1.89
N LYS A 265 5.87 17.22 1.94
CA LYS A 265 7.08 16.56 2.45
C LYS A 265 7.25 16.45 3.97
N GLN A 266 6.60 17.31 4.75
CA GLN A 266 6.58 17.05 6.20
C GLN A 266 5.66 15.89 6.55
N ALA A 267 4.44 15.93 6.01
CA ALA A 267 3.49 14.82 6.15
C ALA A 267 4.08 13.49 5.63
N ALA A 268 4.74 13.54 4.48
CA ALA A 268 5.41 12.36 3.99
C ALA A 268 6.35 11.78 5.02
N GLN A 269 7.25 12.63 5.54
CA GLN A 269 8.17 12.13 6.60
C GLN A 269 7.41 11.74 7.86
N LYS A 270 6.37 12.49 8.18
CA LYS A 270 5.57 12.10 9.31
C LYS A 270 5.13 10.67 9.19
N LEU A 271 4.44 10.34 8.10
CA LEU A 271 4.12 8.94 7.79
C LEU A 271 5.29 8.03 7.66
N GLU A 272 6.33 8.50 7.00
CA GLU A 272 7.50 7.62 6.90
C GLU A 272 8.10 7.20 8.21
N GLN A 273 8.27 8.13 9.15
CA GLN A 273 8.80 7.74 10.49
C GLN A 273 7.82 6.89 11.25
N PHE A 274 6.56 7.29 11.15
CA PHE A 274 5.54 6.58 11.81
C PHE A 274 5.68 5.19 11.39
N VAL A 275 5.93 5.02 10.07
CA VAL A 275 5.99 3.65 9.51
C VAL A 275 7.19 2.97 10.00
N SER A 276 8.27 3.69 10.01
CA SER A 276 9.50 3.09 10.51
C SER A 276 9.38 2.66 11.97
N ILE A 277 8.87 3.55 12.80
CA ILE A 277 8.59 3.14 14.17
C ILE A 277 7.74 1.89 14.21
N LEU A 278 6.57 1.97 13.58
CA LEU A 278 5.72 0.80 13.61
C LEU A 278 6.44 -0.52 13.33
N MET A 279 7.59 -0.50 12.65
CA MET A 279 8.32 -1.79 12.44
C MET A 279 8.40 -2.62 13.70
N ALA A 280 8.43 -1.85 14.79
CA ALA A 280 8.68 -2.26 16.18
C ALA A 280 7.49 -3.04 16.70
N SER A 281 6.30 -2.58 16.36
CA SER A 281 5.13 -3.43 16.53
C SER A 281 4.99 -4.60 15.59
N ILE A 282 5.82 -4.79 14.60
CA ILE A 282 5.43 -5.95 13.81
C ILE A 282 5.91 -7.19 14.53
N PRO A 283 5.01 -8.03 14.99
CA PRO A 283 5.42 -9.31 15.48
C PRO A 283 6.57 -9.86 14.75
N LEU A 284 7.69 -10.02 15.40
CA LEU A 284 8.77 -10.83 14.88
C LEU A 284 8.14 -12.19 14.45
N PRO A 285 8.83 -12.98 13.58
CA PRO A 285 8.09 -14.04 12.82
C PRO A 285 7.91 -15.41 13.44
N ASP A 286 8.93 -15.85 14.20
CA ASP A 286 9.18 -17.29 14.51
C ASP A 286 8.16 -18.01 15.42
N LYS A 287 6.97 -17.42 15.61
CA LYS A 287 6.18 -17.45 16.89
C LYS A 287 6.82 -16.37 17.89
N ALA A 288 8.15 -16.47 18.08
CA ALA A 288 9.08 -15.40 18.58
C ALA A 288 8.74 -14.42 19.78
N SER A 289 8.47 -15.03 20.95
CA SER A 289 8.53 -14.36 22.28
C SER A 289 9.64 -14.99 23.17
#